data_8WJH
#
_entry.id   8WJH
#
_cell.length_a   1.00
_cell.length_b   1.00
_cell.length_c   1.00
_cell.angle_alpha   90.00
_cell.angle_beta   90.00
_cell.angle_gamma   90.00
#
_symmetry.space_group_name_H-M   'P 1'
#
loop_
_entity.id
_entity.type
_entity.pdbx_description
1 polymer 'Solute carrier family 22 member 11'
2 non-polymer 'CHLORIDE ION'
#
_entity_poly.entity_id   1
_entity_poly.type   'polypeptide(L)'
_entity_poly.pdbx_seq_one_letter_code
;MAFSKLLEQAGGVGLFQTLQVLTFILPCLMIPSQMLLENFSAAIPGHRCWTHMLDNGSAVSTNMTPKALLTISIPPGPNQ
GPHQCRRFRQPQWQLLDPNATATSWSEADTEPCVDGWVYDRSVFTSTIVAKWDLVCSSQGLKPLSQSIFMSGILVGSFIW
GLLSYRFGRKPMLSWCCLQLAVAGTSTIFAPTFVIYCGLRFVAAFGMAGIFLSSLTLMVEWTTTSRRAVTMTVVGCAFSA
GQAALGGLAFALRDWRTLQLAASVPFFAISLISWWLPESARWLIIKGKPDQALQELRKVARINGHKEAKNLTIEVLMSSV
KEEVASAKEPRSVLDLFCVPVLRWRSCAMLVVNFSLLISYYGLVFDLQSLGRDIFLLQALFGAVDFLGRATTALLLSFLG
RRTIQAGSQAMAGLAILANMLVPQDLQTLRVVFAVLGKGCFGISLTCLTIYKAELFPTPVRMTADGILHTVGRLGAMMGP
LILMSRQALPLLPPLLYGVISIASSLVVLFFLPETQG
;
_entity_poly.pdbx_strand_id   A
#
loop_
_chem_comp.id
_chem_comp.type
_chem_comp.name
_chem_comp.formula
CL non-polymer 'CHLORIDE ION' 'Cl -1'
#
# COMPACT_ATOMS: atom_id res chain seq x y z
N MET A 1 -20.72 27.97 1.83
CA MET A 1 -21.13 26.57 1.88
C MET A 1 -22.57 26.41 1.36
N ALA A 2 -22.84 27.05 0.22
CA ALA A 2 -24.20 27.06 -0.31
C ALA A 2 -24.54 25.79 -1.08
N PHE A 3 -23.54 25.16 -1.70
CA PHE A 3 -23.77 23.86 -2.33
C PHE A 3 -24.17 22.81 -1.32
N SER A 4 -23.66 22.89 -0.08
CA SER A 4 -24.09 21.93 0.93
C SER A 4 -25.56 22.13 1.29
N LYS A 5 -26.03 23.38 1.26
CA LYS A 5 -27.45 23.67 1.44
C LYS A 5 -28.30 23.14 0.29
N LEU A 6 -27.78 23.28 -0.95
CA LEU A 6 -28.46 22.70 -2.10
C LEU A 6 -28.54 21.17 -2.00
N LEU A 7 -27.46 20.52 -1.54
CA LEU A 7 -27.47 19.08 -1.37
C LEU A 7 -28.42 18.65 -0.25
N GLU A 8 -28.50 19.44 0.82
CA GLU A 8 -29.51 19.22 1.85
C GLU A 8 -30.91 19.31 1.28
N GLN A 9 -31.16 20.34 0.46
CA GLN A 9 -32.43 20.45 -0.25
C GLN A 9 -32.67 19.27 -1.19
N ALA A 10 -31.61 18.73 -1.79
CA ALA A 10 -31.71 17.54 -2.62
C ALA A 10 -31.82 16.24 -1.81
N GLY A 11 -31.97 16.31 -0.50
CA GLY A 11 -32.00 15.13 0.35
C GLY A 11 -30.65 14.53 0.69
N GLY A 12 -29.82 15.27 1.43
CA GLY A 12 -28.46 14.87 1.73
C GLY A 12 -28.27 13.61 2.56
N VAL A 13 -29.35 12.92 2.92
CA VAL A 13 -29.30 11.77 3.81
C VAL A 13 -30.16 10.65 3.27
N GLY A 14 -30.41 10.66 1.96
CA GLY A 14 -31.32 9.72 1.34
C GLY A 14 -30.68 8.43 0.86
N LEU A 15 -31.51 7.62 0.20
CA LEU A 15 -31.12 6.35 -0.39
C LEU A 15 -29.95 6.47 -1.35
N PHE A 16 -29.89 7.59 -2.08
CA PHE A 16 -28.80 7.82 -3.05
C PHE A 16 -27.43 7.78 -2.40
N GLN A 17 -27.25 8.50 -1.28
CA GLN A 17 -25.94 8.52 -0.61
C GLN A 17 -25.53 7.13 -0.14
N THR A 18 -26.47 6.34 0.39
CA THR A 18 -26.17 4.96 0.79
C THR A 18 -25.77 4.11 -0.41
N LEU A 19 -26.53 4.18 -1.50
CA LEU A 19 -26.20 3.42 -2.70
C LEU A 19 -24.86 3.85 -3.31
N GLN A 20 -24.56 5.14 -3.24
CA GLN A 20 -23.28 5.66 -3.71
C GLN A 20 -22.12 5.14 -2.88
N VAL A 21 -22.27 5.18 -1.55
CA VAL A 21 -21.24 4.64 -0.67
C VAL A 21 -21.02 3.15 -0.93
N LEU A 22 -22.09 2.35 -1.03
CA LEU A 22 -21.95 0.92 -1.37
C LEU A 22 -21.24 0.69 -2.71
N THR A 23 -21.60 1.49 -3.72
CA THR A 23 -20.97 1.38 -5.04
C THR A 23 -19.49 1.69 -4.95
N PHE A 24 -19.11 2.68 -4.15
CA PHE A 24 -17.70 2.97 -3.95
C PHE A 24 -17.02 2.02 -2.97
N ILE A 25 -17.77 1.35 -2.09
CA ILE A 25 -17.21 0.29 -1.25
C ILE A 25 -16.63 -0.81 -2.10
N LEU A 26 -17.27 -1.11 -3.24
CA LEU A 26 -16.73 -2.16 -4.10
C LEU A 26 -15.28 -1.90 -4.54
N PRO A 27 -14.92 -0.77 -5.20
CA PRO A 27 -13.48 -0.54 -5.45
C PRO A 27 -12.63 -0.39 -4.20
N CYS A 28 -13.12 0.23 -3.12
CA CYS A 28 -12.27 0.32 -1.92
C CYS A 28 -11.99 -1.06 -1.34
N LEU A 29 -12.95 -1.98 -1.45
CA LEU A 29 -12.67 -3.36 -1.09
C LEU A 29 -11.67 -4.01 -2.02
N MET A 30 -11.67 -3.67 -3.32
CA MET A 30 -10.79 -4.38 -4.24
C MET A 30 -9.39 -3.76 -4.41
N ILE A 31 -9.24 -2.46 -4.18
CA ILE A 31 -7.92 -1.80 -4.31
C ILE A 31 -6.79 -2.38 -3.46
N PRO A 32 -6.97 -2.68 -2.16
CA PRO A 32 -5.86 -3.32 -1.40
C PRO A 32 -5.34 -4.61 -2.01
N SER A 33 -6.22 -5.41 -2.61
CA SER A 33 -5.78 -6.67 -3.21
C SER A 33 -4.82 -6.42 -4.37
N GLN A 34 -5.07 -5.39 -5.18
CA GLN A 34 -4.17 -5.03 -6.27
C GLN A 34 -2.91 -4.31 -5.78
N MET A 35 -3.05 -3.46 -4.77
CA MET A 35 -1.93 -2.66 -4.28
C MET A 35 -0.90 -3.50 -3.53
N LEU A 36 -1.35 -4.51 -2.78
CA LEU A 36 -0.50 -5.29 -1.89
C LEU A 36 -0.27 -6.70 -2.39
N LEU A 37 -0.74 -6.99 -3.61
CA LEU A 37 -0.64 -8.29 -4.27
C LEU A 37 0.76 -8.88 -4.22
N GLU A 38 1.78 -8.05 -4.44
CA GLU A 38 3.16 -8.52 -4.51
C GLU A 38 3.70 -9.09 -3.20
N ASN A 39 3.05 -8.83 -2.07
CA ASN A 39 3.39 -9.55 -0.84
C ASN A 39 3.18 -11.05 -0.98
N PHE A 40 2.26 -11.49 -1.84
CA PHE A 40 1.96 -12.90 -2.05
C PHE A 40 2.45 -13.41 -3.40
N SER A 41 2.11 -12.70 -4.47
CA SER A 41 2.51 -13.09 -5.83
C SER A 41 4.02 -13.07 -6.03
N ALA A 42 4.74 -12.20 -5.31
CA ALA A 42 6.19 -12.16 -5.33
C ALA A 42 6.85 -12.68 -4.06
N ALA A 43 6.16 -13.54 -3.30
CA ALA A 43 6.80 -14.25 -2.20
C ALA A 43 8.01 -15.04 -2.69
N ILE A 44 9.12 -14.91 -1.97
CA ILE A 44 10.34 -15.69 -2.20
C ILE A 44 10.30 -17.06 -1.56
N PRO A 45 10.14 -18.15 -2.32
CA PRO A 45 10.26 -19.48 -1.73
C PRO A 45 11.71 -19.80 -1.38
N GLY A 46 11.88 -20.81 -0.53
CA GLY A 46 13.18 -21.40 -0.31
C GLY A 46 13.84 -21.85 -1.61
N HIS A 47 15.12 -21.57 -1.79
CA HIS A 47 15.75 -21.92 -3.05
C HIS A 47 17.22 -22.27 -2.89
N ARG A 48 17.72 -23.03 -3.86
CA ARG A 48 19.15 -23.33 -3.98
C ARG A 48 19.48 -23.40 -5.47
N CYS A 49 20.78 -23.36 -5.76
CA CYS A 49 21.26 -23.62 -7.11
C CYS A 49 20.93 -25.03 -7.59
N TRP A 50 20.69 -25.13 -8.90
CA TRP A 50 20.71 -26.42 -9.56
C TRP A 50 22.15 -26.93 -9.59
N THR A 51 22.31 -28.21 -9.29
CA THR A 51 23.61 -28.87 -9.29
C THR A 51 23.46 -30.23 -9.95
N HIS A 52 24.39 -30.55 -10.85
CA HIS A 52 24.31 -31.78 -11.64
C HIS A 52 24.23 -33.03 -10.75
N MET A 53 25.00 -33.05 -9.66
CA MET A 53 24.99 -34.23 -8.80
C MET A 53 23.70 -34.36 -8.01
N LEU A 54 23.06 -33.24 -7.66
CA LEU A 54 21.85 -33.27 -6.84
C LEU A 54 20.56 -33.30 -7.66
N ASP A 55 20.54 -32.62 -8.80
CA ASP A 55 19.30 -32.33 -9.51
C ASP A 55 19.16 -33.03 -10.85
N ASN A 56 20.23 -33.59 -11.40
CA ASN A 56 20.13 -34.43 -12.59
C ASN A 56 19.98 -35.88 -12.17
N GLY A 57 18.76 -36.41 -12.35
CA GLY A 57 18.37 -37.72 -11.84
C GLY A 57 19.18 -38.88 -12.37
N SER A 58 19.93 -38.69 -13.45
CA SER A 58 20.77 -39.76 -13.97
C SER A 58 22.11 -39.84 -13.27
N ALA A 59 22.48 -38.83 -12.49
CA ALA A 59 23.76 -38.81 -11.79
C ALA A 59 23.63 -39.15 -10.32
N VAL A 60 22.40 -39.34 -9.82
CA VAL A 60 22.15 -39.67 -8.43
C VAL A 60 22.57 -41.11 -8.19
N SER A 61 23.79 -41.30 -7.68
CA SER A 61 24.20 -42.59 -7.12
C SER A 61 23.20 -43.12 -6.10
N THR A 62 22.69 -44.33 -6.37
CA THR A 62 21.62 -44.98 -5.61
C THR A 62 21.92 -45.16 -4.12
N ASN A 63 23.12 -44.86 -3.64
CA ASN A 63 23.50 -45.13 -2.27
C ASN A 63 23.56 -43.90 -1.37
N MET A 64 23.26 -42.71 -1.89
CA MET A 64 23.37 -41.50 -1.09
C MET A 64 21.99 -40.88 -0.85
N THR A 65 21.78 -40.44 0.39
CA THR A 65 20.56 -39.74 0.75
C THR A 65 20.57 -38.32 0.19
N PRO A 66 19.40 -37.78 -0.16
CA PRO A 66 19.33 -36.38 -0.61
C PRO A 66 19.89 -35.37 0.39
N LYS A 67 19.79 -35.66 1.69
CA LYS A 67 20.37 -34.77 2.69
C LYS A 67 21.90 -34.77 2.61
N ALA A 68 22.50 -35.96 2.46
CA ALA A 68 23.95 -36.08 2.29
C ALA A 68 24.41 -35.39 1.02
N LEU A 69 23.70 -35.60 -0.09
CA LEU A 69 24.02 -34.93 -1.35
C LEU A 69 23.90 -33.41 -1.22
N LEU A 70 22.90 -32.92 -0.48
CA LEU A 70 22.79 -31.49 -0.23
C LEU A 70 23.98 -30.98 0.57
N THR A 71 24.33 -31.69 1.65
CA THR A 71 25.45 -31.29 2.51
C THR A 71 26.75 -31.25 1.73
N ILE A 72 26.98 -32.23 0.87
CA ILE A 72 28.21 -32.29 0.08
C ILE A 72 28.18 -31.35 -1.12
N SER A 73 27.00 -30.92 -1.55
CA SER A 73 26.86 -30.15 -2.79
C SER A 73 26.73 -28.65 -2.57
N ILE A 74 26.21 -28.20 -1.43
CA ILE A 74 25.97 -26.78 -1.19
C ILE A 74 26.58 -26.40 0.15
N PRO A 75 27.45 -25.39 0.21
CA PRO A 75 28.02 -24.93 1.49
C PRO A 75 26.95 -24.36 2.40
N PRO A 76 27.19 -24.35 3.72
CA PRO A 76 26.29 -23.59 4.61
C PRO A 76 26.38 -22.10 4.34
N GLY A 77 25.23 -21.45 4.27
CA GLY A 77 25.19 -20.00 4.17
C GLY A 77 25.19 -19.35 5.54
N PRO A 78 25.10 -18.01 5.57
CA PRO A 78 25.17 -17.28 6.85
C PRO A 78 24.10 -17.71 7.85
N ASN A 79 22.94 -18.14 7.37
CA ASN A 79 21.81 -18.53 8.19
C ASN A 79 21.78 -20.04 8.30
N GLN A 80 20.94 -20.55 9.20
CA GLN A 80 20.96 -21.98 9.48
C GLN A 80 20.24 -22.70 8.34
N GLY A 81 20.92 -22.84 7.21
CA GLY A 81 20.49 -23.69 6.12
C GLY A 81 21.48 -23.68 4.98
N PRO A 82 21.16 -24.39 3.90
CA PRO A 82 22.01 -24.36 2.70
C PRO A 82 22.08 -22.95 2.11
N HIS A 83 23.27 -22.59 1.64
CA HIS A 83 23.46 -21.32 0.95
C HIS A 83 22.63 -21.24 -0.32
N GLN A 84 21.87 -20.16 -0.44
CA GLN A 84 20.84 -20.04 -1.47
C GLN A 84 21.40 -19.75 -2.86
N CYS A 85 22.55 -19.09 -2.96
CA CYS A 85 23.02 -18.57 -4.24
C CYS A 85 24.35 -19.15 -4.74
N ARG A 86 24.96 -20.11 -4.06
CA ARG A 86 26.25 -20.60 -4.52
C ARG A 86 26.33 -22.11 -4.31
N ARG A 87 27.06 -22.78 -5.19
CA ARG A 87 27.40 -24.18 -5.08
C ARG A 87 28.90 -24.41 -5.23
N PHE A 88 29.33 -25.61 -4.87
CA PHE A 88 30.66 -26.10 -5.19
C PHE A 88 30.77 -26.49 -6.66
N ARG A 89 31.92 -26.19 -7.28
CA ARG A 89 32.18 -26.62 -8.64
C ARG A 89 32.21 -28.15 -8.75
N GLN A 90 32.78 -28.83 -7.75
CA GLN A 90 32.80 -30.27 -7.68
C GLN A 90 32.35 -30.71 -6.29
N PRO A 91 31.62 -31.84 -6.19
CA PRO A 91 31.15 -32.32 -4.89
C PRO A 91 32.29 -32.55 -3.91
N GLN A 92 32.15 -31.93 -2.73
CA GLN A 92 33.17 -31.96 -1.68
C GLN A 92 32.93 -33.16 -0.76
N TRP A 93 33.28 -34.35 -1.29
CA TRP A 93 33.08 -35.61 -0.58
C TRP A 93 33.73 -35.60 0.80
N GLN A 94 34.88 -34.92 0.94
CA GLN A 94 35.55 -34.72 2.22
C GLN A 94 34.68 -34.06 3.28
N LEU A 95 33.61 -33.36 2.91
CA LEU A 95 32.68 -32.77 3.87
C LEU A 95 31.74 -33.77 4.56
N LEU A 96 31.67 -35.05 4.14
CA LEU A 96 30.83 -35.99 4.87
C LEU A 96 31.46 -36.76 6.03
N ASP A 97 32.78 -36.80 6.19
CA ASP A 97 33.32 -37.55 7.35
C ASP A 97 33.06 -36.75 8.63
N PRO A 98 32.40 -37.33 9.62
CA PRO A 98 32.08 -36.60 10.86
C PRO A 98 33.27 -36.12 11.67
N ASN A 99 34.48 -36.63 11.44
CA ASN A 99 35.65 -36.15 12.17
C ASN A 99 36.37 -34.99 11.48
N ALA A 100 35.91 -34.58 10.30
CA ALA A 100 36.52 -33.45 9.58
C ALA A 100 36.06 -32.14 10.22
N THR A 101 37.03 -31.30 10.59
CA THR A 101 36.72 -29.93 11.00
C THR A 101 36.10 -29.16 9.84
N ALA A 102 34.99 -28.47 10.15
CA ALA A 102 34.12 -27.73 9.24
C ALA A 102 34.76 -26.63 8.39
N THR A 103 36.04 -26.34 8.59
CA THR A 103 36.70 -25.26 7.85
C THR A 103 37.57 -25.75 6.70
N SER A 104 37.45 -27.02 6.30
CA SER A 104 38.35 -27.57 5.30
C SER A 104 38.07 -27.11 3.89
N TRP A 105 37.10 -26.23 3.67
CA TRP A 105 36.77 -25.70 2.35
C TRP A 105 37.04 -24.20 2.34
N SER A 106 37.40 -23.68 1.16
CA SER A 106 37.66 -22.26 0.98
C SER A 106 36.56 -21.59 0.16
N GLU A 107 36.47 -20.26 0.33
CA GLU A 107 35.63 -19.42 -0.51
C GLU A 107 36.02 -19.50 -1.99
N ALA A 108 37.28 -19.84 -2.27
CA ALA A 108 37.78 -20.02 -3.63
C ALA A 108 37.13 -21.22 -4.33
N ASP A 109 36.60 -22.17 -3.57
CA ASP A 109 35.87 -23.30 -4.14
C ASP A 109 34.45 -22.94 -4.57
N THR A 110 33.99 -21.72 -4.30
CA THR A 110 32.65 -21.31 -4.64
C THR A 110 32.67 -20.43 -5.89
N GLU A 111 31.54 -20.40 -6.57
CA GLU A 111 31.27 -19.51 -7.69
C GLU A 111 29.84 -19.03 -7.53
N PRO A 112 29.47 -17.89 -8.14
CA PRO A 112 28.05 -17.55 -8.25
C PRO A 112 27.26 -18.65 -8.94
N CYS A 113 25.97 -18.68 -8.64
CA CYS A 113 25.02 -19.58 -9.28
C CYS A 113 24.90 -19.30 -10.77
N VAL A 114 25.45 -20.17 -11.61
CA VAL A 114 25.38 -19.95 -13.05
C VAL A 114 24.26 -20.67 -13.79
N ASP A 115 23.80 -21.83 -13.30
CA ASP A 115 22.78 -22.58 -14.04
C ASP A 115 21.37 -22.36 -13.51
N GLY A 116 21.13 -21.31 -12.76
CA GLY A 116 19.80 -21.06 -12.23
C GLY A 116 19.54 -21.75 -10.91
N TRP A 117 18.26 -21.81 -10.57
CA TRP A 117 17.80 -22.22 -9.26
C TRP A 117 16.68 -23.25 -9.36
N VAL A 118 16.61 -24.10 -8.34
CA VAL A 118 15.50 -25.02 -8.11
C VAL A 118 14.75 -24.52 -6.88
N TYR A 119 13.47 -24.24 -7.06
CA TYR A 119 12.63 -23.68 -6.01
C TYR A 119 11.76 -24.74 -5.33
N ASP A 120 11.68 -24.64 -4.00
CA ASP A 120 10.73 -25.43 -3.22
C ASP A 120 9.31 -24.95 -3.49
N ARG A 121 8.45 -25.85 -3.97
CA ARG A 121 7.08 -25.54 -4.32
C ARG A 121 6.09 -26.00 -3.26
N SER A 122 6.58 -26.44 -2.10
CA SER A 122 5.73 -26.94 -1.03
C SER A 122 4.84 -25.84 -0.45
N VAL A 123 5.38 -24.64 -0.29
CA VAL A 123 4.62 -23.53 0.27
C VAL A 123 3.90 -22.73 -0.81
N PHE A 124 4.58 -22.38 -1.90
CA PHE A 124 3.96 -21.63 -2.99
C PHE A 124 4.12 -22.46 -4.27
N THR A 125 3.02 -22.65 -5.00
CA THR A 125 3.12 -23.42 -6.24
C THR A 125 3.83 -22.67 -7.35
N SER A 126 3.67 -21.35 -7.44
CA SER A 126 4.46 -20.55 -8.37
C SER A 126 4.44 -19.11 -7.92
N THR A 127 5.58 -18.44 -8.05
CA THR A 127 5.70 -17.00 -7.84
C THR A 127 6.41 -16.38 -9.03
N ILE A 128 6.28 -15.04 -9.15
CA ILE A 128 7.04 -14.31 -10.16
C ILE A 128 8.54 -14.42 -9.90
N VAL A 129 8.93 -14.56 -8.62
CA VAL A 129 10.32 -14.76 -8.26
C VAL A 129 10.84 -16.07 -8.85
N ALA A 130 10.06 -17.14 -8.71
CA ALA A 130 10.45 -18.42 -9.30
C ALA A 130 10.34 -18.39 -10.82
N LYS A 131 9.55 -17.45 -11.37
CA LYS A 131 9.39 -17.35 -12.81
C LYS A 131 10.55 -16.62 -13.48
N TRP A 132 11.15 -15.62 -12.81
CA TRP A 132 12.20 -14.82 -13.43
C TRP A 132 13.52 -14.85 -12.65
N ASP A 133 13.68 -15.82 -11.76
CA ASP A 133 14.90 -16.05 -10.98
C ASP A 133 15.43 -14.81 -10.28
N LEU A 134 14.57 -14.13 -9.54
CA LEU A 134 14.95 -12.87 -8.92
C LEU A 134 15.64 -13.04 -7.56
N VAL A 135 16.63 -13.93 -7.39
CA VAL A 135 17.23 -14.04 -6.06
C VAL A 135 18.71 -13.71 -6.06
N CYS A 136 19.22 -13.45 -4.84
CA CYS A 136 20.59 -13.29 -4.33
C CYS A 136 21.09 -11.95 -4.87
N SER A 137 20.98 -11.74 -6.17
CA SER A 137 21.54 -10.58 -6.86
C SER A 137 20.45 -9.74 -7.48
N SER A 138 19.32 -10.36 -7.80
CA SER A 138 18.20 -9.76 -8.50
C SER A 138 17.08 -9.51 -7.52
N GLN A 139 17.32 -9.83 -6.25
CA GLN A 139 16.34 -9.64 -5.17
C GLN A 139 15.91 -8.20 -5.03
N GLY A 140 16.74 -7.26 -5.47
CA GLY A 140 16.36 -5.86 -5.44
C GLY A 140 15.23 -5.50 -6.38
N LEU A 141 14.97 -6.32 -7.40
CA LEU A 141 13.93 -6.00 -8.37
C LEU A 141 12.52 -6.17 -7.81
N LYS A 142 12.31 -7.04 -6.82
CA LYS A 142 10.99 -7.13 -6.19
C LYS A 142 10.60 -5.81 -5.52
N PRO A 143 11.33 -5.30 -4.52
CA PRO A 143 10.96 -3.98 -3.99
C PRO A 143 11.06 -2.88 -5.02
N LEU A 144 11.95 -3.02 -6.01
CA LEU A 144 11.94 -2.08 -7.14
C LEU A 144 10.62 -2.14 -7.90
N SER A 145 10.08 -3.35 -8.14
CA SER A 145 8.76 -3.47 -8.74
C SER A 145 7.68 -2.75 -7.94
N GLN A 146 7.68 -2.97 -6.62
CA GLN A 146 6.75 -2.29 -5.73
C GLN A 146 6.95 -0.76 -5.75
N SER A 147 8.20 -0.31 -5.84
CA SER A 147 8.51 1.11 -5.96
C SER A 147 8.01 1.68 -7.27
N ILE A 148 8.17 0.94 -8.37
CA ILE A 148 7.62 1.35 -9.67
C ILE A 148 6.11 1.50 -9.59
N PHE A 149 5.43 0.54 -8.96
CA PHE A 149 3.99 0.64 -8.72
C PHE A 149 3.63 1.91 -7.92
N MET A 150 4.36 2.18 -6.83
CA MET A 150 4.09 3.39 -6.07
C MET A 150 4.37 4.65 -6.89
N SER A 151 5.39 4.61 -7.75
CA SER A 151 5.65 5.71 -8.68
C SER A 151 4.52 5.86 -9.68
N GLY A 152 3.92 4.76 -10.09
CA GLY A 152 2.72 4.81 -10.91
C GLY A 152 1.56 5.52 -10.24
N ILE A 153 1.36 5.26 -8.95
CA ILE A 153 0.33 5.98 -8.21
C ILE A 153 0.65 7.47 -8.12
N LEU A 154 1.92 7.82 -7.86
CA LEU A 154 2.33 9.22 -7.79
C LEU A 154 2.09 9.96 -9.11
N VAL A 155 2.64 9.42 -10.21
CA VAL A 155 2.50 10.04 -11.53
C VAL A 155 1.05 10.07 -11.98
N GLY A 156 0.30 8.98 -11.73
CA GLY A 156 -1.12 8.98 -12.02
C GLY A 156 -1.86 10.08 -11.29
N SER A 157 -1.61 10.22 -9.98
CA SER A 157 -2.28 11.25 -9.20
C SER A 157 -1.97 12.64 -9.72
N PHE A 158 -0.72 12.88 -10.13
CA PHE A 158 -0.33 14.17 -10.70
C PHE A 158 -1.01 14.44 -12.05
N ILE A 159 -0.89 13.50 -12.98
CA ILE A 159 -1.43 13.68 -14.34
C ILE A 159 -2.94 13.78 -14.29
N TRP A 160 -3.60 12.88 -13.56
CA TRP A 160 -5.05 12.94 -13.43
C TRP A 160 -5.48 14.20 -12.69
N GLY A 161 -4.68 14.69 -11.75
CA GLY A 161 -4.90 16.00 -11.17
C GLY A 161 -5.00 17.11 -12.21
N LEU A 162 -4.02 17.15 -13.11
CA LEU A 162 -4.05 18.17 -14.17
C LEU A 162 -5.21 17.95 -15.15
N LEU A 163 -5.50 16.68 -15.50
CA LEU A 163 -6.55 16.37 -16.46
C LEU A 163 -7.95 16.56 -15.88
N SER A 164 -8.10 16.45 -14.56
CA SER A 164 -9.38 16.63 -13.88
C SER A 164 -10.00 18.00 -14.11
N TYR A 165 -9.20 19.04 -14.39
CA TYR A 165 -9.84 20.30 -14.74
C TYR A 165 -10.52 20.24 -16.11
N ARG A 166 -9.96 19.50 -17.06
CA ARG A 166 -10.59 19.55 -18.38
C ARG A 166 -11.68 18.48 -18.47
N PHE A 167 -11.34 17.26 -18.07
CA PHE A 167 -12.16 16.07 -18.27
C PHE A 167 -13.06 15.83 -17.06
N GLY A 168 -14.02 14.94 -17.25
CA GLY A 168 -15.12 14.77 -16.32
C GLY A 168 -14.79 13.67 -15.35
N ARG A 169 -15.61 13.52 -14.32
CA ARG A 169 -15.21 12.69 -13.19
C ARG A 169 -15.80 11.30 -13.34
N LYS A 170 -17.01 11.22 -13.90
CA LYS A 170 -17.63 9.94 -14.23
C LYS A 170 -16.83 9.20 -15.31
N PRO A 171 -16.59 9.78 -16.52
CA PRO A 171 -15.85 9.00 -17.54
C PRO A 171 -14.43 8.69 -17.14
N MET A 172 -13.76 9.58 -16.42
CA MET A 172 -12.43 9.29 -15.89
C MET A 172 -12.45 8.09 -14.96
N LEU A 173 -13.43 8.04 -14.04
CA LEU A 173 -13.60 6.87 -13.17
C LEU A 173 -13.80 5.59 -13.98
N SER A 174 -14.72 5.62 -14.96
CA SER A 174 -14.97 4.44 -15.80
C SER A 174 -13.71 4.01 -16.56
N TRP A 175 -13.02 4.98 -17.17
CA TRP A 175 -11.79 4.68 -17.90
C TRP A 175 -10.70 4.13 -17.01
N CYS A 176 -10.53 4.70 -15.82
CA CYS A 176 -9.52 4.19 -14.89
C CYS A 176 -9.84 2.79 -14.41
N CYS A 177 -11.12 2.49 -14.16
CA CYS A 177 -11.52 1.12 -13.85
C CYS A 177 -11.20 0.16 -14.99
N LEU A 178 -11.54 0.54 -16.22
CA LEU A 178 -11.23 -0.28 -17.39
C LEU A 178 -9.73 -0.47 -17.59
N GLN A 179 -8.96 0.61 -17.50
CA GLN A 179 -7.51 0.56 -17.61
C GLN A 179 -6.87 -0.34 -16.57
N LEU A 180 -7.25 -0.18 -15.29
CA LEU A 180 -6.73 -1.04 -14.24
C LEU A 180 -7.10 -2.50 -14.48
N ALA A 181 -8.34 -2.78 -14.88
CA ALA A 181 -8.78 -4.14 -15.14
C ALA A 181 -7.99 -4.79 -16.28
N VAL A 182 -7.86 -4.06 -17.39
CA VAL A 182 -7.14 -4.57 -18.56
C VAL A 182 -5.66 -4.80 -18.24
N ALA A 183 -4.99 -3.78 -17.71
CA ALA A 183 -3.56 -3.92 -17.40
C ALA A 183 -3.31 -5.03 -16.36
N GLY A 184 -4.17 -5.11 -15.33
CA GLY A 184 -4.02 -6.15 -14.33
C GLY A 184 -4.18 -7.55 -14.87
N THR A 185 -5.20 -7.78 -15.71
CA THR A 185 -5.32 -9.12 -16.30
C THR A 185 -4.21 -9.37 -17.33
N SER A 186 -3.80 -8.34 -18.08
CA SER A 186 -2.71 -8.47 -19.04
C SER A 186 -1.37 -8.85 -18.40
N THR A 187 -1.17 -8.55 -17.12
CA THR A 187 0.10 -8.88 -16.46
C THR A 187 0.43 -10.38 -16.50
N ILE A 188 -0.59 -11.24 -16.55
CA ILE A 188 -0.33 -12.69 -16.58
C ILE A 188 0.34 -13.14 -17.87
N PHE A 189 0.19 -12.39 -18.95
CA PHE A 189 0.80 -12.74 -20.23
C PHE A 189 2.15 -12.08 -20.46
N ALA A 190 2.64 -11.30 -19.50
CA ALA A 190 3.93 -10.63 -19.63
C ALA A 190 5.04 -11.66 -19.78
N PRO A 191 5.80 -11.62 -20.88
CA PRO A 191 6.89 -12.59 -21.07
C PRO A 191 8.14 -12.25 -20.28
N THR A 192 8.39 -10.95 -20.07
CA THR A 192 9.58 -10.49 -19.38
C THR A 192 9.15 -9.67 -18.16
N PHE A 193 10.04 -9.63 -17.15
CA PHE A 193 9.81 -8.85 -15.94
C PHE A 193 9.65 -7.37 -16.23
N VAL A 194 10.31 -6.86 -17.27
CA VAL A 194 10.19 -5.45 -17.65
C VAL A 194 8.77 -5.15 -18.12
N ILE A 195 8.20 -6.02 -18.96
CA ILE A 195 6.82 -5.86 -19.42
C ILE A 195 5.85 -5.97 -18.25
N TYR A 196 6.12 -6.88 -17.31
CA TYR A 196 5.35 -6.98 -16.07
C TYR A 196 5.36 -5.66 -15.30
N CYS A 197 6.55 -5.09 -15.08
CA CYS A 197 6.65 -3.81 -14.37
C CYS A 197 5.93 -2.69 -15.10
N GLY A 198 6.04 -2.64 -16.43
CA GLY A 198 5.31 -1.64 -17.19
C GLY A 198 3.80 -1.75 -17.06
N LEU A 199 3.28 -2.98 -17.13
CA LEU A 199 1.86 -3.20 -16.93
C LEU A 199 1.42 -2.85 -15.51
N ARG A 200 2.24 -3.17 -14.51
CA ARG A 200 1.97 -2.75 -13.13
C ARG A 200 1.96 -1.23 -12.99
N PHE A 201 2.87 -0.54 -13.66
CA PHE A 201 2.86 0.92 -13.71
C PHE A 201 1.55 1.46 -14.28
N VAL A 202 1.10 0.91 -15.41
CA VAL A 202 -0.16 1.36 -16.03
C VAL A 202 -1.36 1.05 -15.12
N ALA A 203 -1.31 -0.08 -14.45
CA ALA A 203 -2.33 -0.43 -13.44
C ALA A 203 -2.37 0.58 -12.31
N ALA A 204 -1.21 0.90 -11.75
CA ALA A 204 -1.14 1.87 -10.66
C ALA A 204 -1.58 3.27 -11.08
N PHE A 205 -1.27 3.65 -12.32
CA PHE A 205 -1.78 4.90 -12.89
C PHE A 205 -3.31 4.91 -12.90
N GLY A 206 -3.92 3.81 -13.32
CA GLY A 206 -5.36 3.70 -13.23
C GLY A 206 -5.89 3.75 -11.81
N MET A 207 -5.23 3.02 -10.91
CA MET A 207 -5.61 3.04 -9.49
C MET A 207 -5.58 4.46 -8.91
N ALA A 208 -4.57 5.25 -9.30
CA ALA A 208 -4.48 6.65 -8.89
C ALA A 208 -5.70 7.43 -9.36
N GLY A 209 -6.13 7.15 -10.59
CA GLY A 209 -7.34 7.78 -11.09
C GLY A 209 -8.60 7.34 -10.35
N ILE A 210 -8.64 6.07 -9.95
CA ILE A 210 -9.72 5.57 -9.09
C ILE A 210 -9.76 6.35 -7.79
N PHE A 211 -8.61 6.47 -7.11
CA PHE A 211 -8.54 7.17 -5.83
C PHE A 211 -9.04 8.61 -5.96
N LEU A 212 -8.55 9.31 -6.99
CA LEU A 212 -8.95 10.71 -7.19
C LEU A 212 -10.44 10.84 -7.48
N SER A 213 -10.96 10.06 -8.42
CA SER A 213 -12.37 10.19 -8.78
C SER A 213 -13.31 9.76 -7.66
N SER A 214 -12.98 8.67 -6.96
CA SER A 214 -13.84 8.23 -5.86
C SER A 214 -13.89 9.24 -4.72
N LEU A 215 -12.73 9.72 -4.26
CA LEU A 215 -12.73 10.73 -3.19
C LEU A 215 -13.39 12.03 -3.62
N THR A 216 -13.10 12.52 -4.83
CA THR A 216 -13.69 13.78 -5.27
C THR A 216 -15.20 13.69 -5.41
N LEU A 217 -15.70 12.67 -6.14
CA LEU A 217 -17.14 12.49 -6.28
C LEU A 217 -17.84 12.28 -4.95
N MET A 218 -17.23 11.51 -4.05
CA MET A 218 -17.81 11.27 -2.74
C MET A 218 -17.92 12.54 -1.91
N VAL A 219 -16.84 13.31 -1.84
CA VAL A 219 -16.87 14.55 -1.05
C VAL A 219 -17.84 15.55 -1.68
N GLU A 220 -17.85 15.63 -3.01
CA GLU A 220 -18.70 16.59 -3.68
C GLU A 220 -20.19 16.26 -3.57
N TRP A 221 -20.56 14.98 -3.44
CA TRP A 221 -21.96 14.65 -3.24
C TRP A 221 -22.35 14.36 -1.79
N THR A 222 -21.43 14.48 -0.84
CA THR A 222 -21.75 14.34 0.58
C THR A 222 -21.74 15.69 1.25
N THR A 223 -22.78 15.96 2.04
CA THR A 223 -22.84 17.18 2.83
C THR A 223 -21.72 17.18 3.87
N THR A 224 -21.23 18.38 4.19
CA THR A 224 -20.08 18.57 5.09
C THR A 224 -20.28 17.88 6.43
N SER A 225 -21.52 17.90 6.96
CA SER A 225 -21.83 17.24 8.22
C SER A 225 -21.62 15.73 8.17
N ARG A 226 -21.75 15.13 6.98
CA ARG A 226 -21.63 13.68 6.82
C ARG A 226 -20.30 13.23 6.23
N ARG A 227 -19.49 14.16 5.71
CA ARG A 227 -18.21 13.82 5.09
C ARG A 227 -17.34 12.95 5.99
N ALA A 228 -17.22 13.30 7.27
CA ALA A 228 -16.41 12.54 8.22
C ALA A 228 -16.88 11.10 8.40
N VAL A 229 -18.20 10.91 8.57
CA VAL A 229 -18.75 9.55 8.69
C VAL A 229 -18.51 8.76 7.42
N THR A 230 -18.79 9.36 6.26
CA THR A 230 -18.59 8.70 4.98
C THR A 230 -17.14 8.28 4.78
N MET A 231 -16.19 9.17 5.14
CA MET A 231 -14.78 8.86 5.05
C MET A 231 -14.39 7.73 6.01
N THR A 232 -15.00 7.70 7.20
CA THR A 232 -14.74 6.60 8.13
C THR A 232 -15.23 5.27 7.55
N VAL A 233 -16.44 5.26 6.99
CA VAL A 233 -17.01 4.08 6.32
C VAL A 233 -16.09 3.62 5.18
N VAL A 234 -15.56 4.55 4.39
CA VAL A 234 -14.63 4.21 3.32
C VAL A 234 -13.32 3.63 3.86
N GLY A 235 -12.80 4.20 4.96
CA GLY A 235 -11.64 3.61 5.61
C GLY A 235 -11.88 2.19 6.07
N CYS A 236 -13.06 1.93 6.64
CA CYS A 236 -13.44 0.58 7.03
C CYS A 236 -13.56 -0.36 5.82
N ALA A 237 -14.13 0.13 4.71
CA ALA A 237 -14.17 -0.66 3.48
C ALA A 237 -12.77 -1.00 2.95
N PHE A 238 -11.84 -0.04 3.04
CA PHE A 238 -10.45 -0.27 2.70
C PHE A 238 -9.84 -1.35 3.57
N SER A 239 -10.11 -1.27 4.86
CA SER A 239 -9.62 -2.26 5.83
C SER A 239 -10.22 -3.64 5.61
N ALA A 240 -11.50 -3.71 5.25
CA ALA A 240 -12.09 -4.99 4.90
C ALA A 240 -11.44 -5.61 3.67
N GLY A 241 -11.16 -4.79 2.66
CA GLY A 241 -10.40 -5.28 1.51
C GLY A 241 -8.99 -5.74 1.85
N GLN A 242 -8.33 -5.00 2.74
CA GLN A 242 -7.01 -5.39 3.25
C GLN A 242 -7.04 -6.74 3.96
N ALA A 243 -8.06 -6.97 4.78
CA ALA A 243 -8.20 -8.26 5.45
C ALA A 243 -8.55 -9.37 4.47
N ALA A 244 -9.48 -9.08 3.54
CA ALA A 244 -9.92 -10.03 2.52
C ALA A 244 -8.79 -10.49 1.60
N LEU A 245 -7.79 -9.65 1.32
CA LEU A 245 -6.64 -10.10 0.55
C LEU A 245 -5.93 -11.32 1.17
N GLY A 246 -5.79 -11.35 2.49
CA GLY A 246 -5.19 -12.51 3.14
C GLY A 246 -5.94 -13.80 2.89
N GLY A 247 -7.27 -13.75 3.00
CA GLY A 247 -8.09 -14.90 2.69
C GLY A 247 -8.07 -15.28 1.22
N LEU A 248 -8.11 -14.29 0.33
CA LEU A 248 -8.04 -14.56 -1.11
C LEU A 248 -6.73 -15.24 -1.49
N ALA A 249 -5.60 -14.78 -0.95
CA ALA A 249 -4.32 -15.43 -1.24
C ALA A 249 -4.23 -16.82 -0.60
N PHE A 250 -4.87 -17.00 0.55
CA PHE A 250 -4.98 -18.31 1.19
C PHE A 250 -5.81 -19.30 0.36
N ALA A 251 -6.85 -18.79 -0.30
CA ALA A 251 -7.74 -19.58 -1.14
C ALA A 251 -7.12 -20.03 -2.45
N LEU A 252 -6.28 -19.24 -3.11
CA LEU A 252 -5.79 -19.68 -4.40
C LEU A 252 -4.32 -20.10 -4.42
N ARG A 253 -3.42 -19.31 -3.84
CA ARG A 253 -1.96 -19.53 -3.82
C ARG A 253 -1.25 -19.58 -5.18
N ASP A 254 -1.96 -19.49 -6.29
CA ASP A 254 -1.33 -19.35 -7.60
C ASP A 254 -1.33 -17.88 -7.98
N TRP A 255 -0.17 -17.34 -8.34
CA TRP A 255 -0.06 -15.90 -8.62
C TRP A 255 -0.93 -15.49 -9.82
N ARG A 256 -1.17 -16.40 -10.77
CA ARG A 256 -1.99 -16.06 -11.92
C ARG A 256 -3.47 -16.00 -11.55
N THR A 257 -3.94 -17.00 -10.80
CA THR A 257 -5.33 -17.00 -10.34
C THR A 257 -5.59 -15.84 -9.39
N LEU A 258 -4.62 -15.56 -8.52
CA LEU A 258 -4.70 -14.41 -7.61
C LEU A 258 -4.76 -13.10 -8.39
N GLN A 259 -3.94 -12.97 -9.43
CA GLN A 259 -3.99 -11.77 -10.28
C GLN A 259 -5.34 -11.61 -10.98
N LEU A 260 -5.91 -12.72 -11.49
CA LEU A 260 -7.26 -12.65 -12.06
C LEU A 260 -8.29 -12.24 -11.02
N ALA A 261 -8.25 -12.86 -9.84
CA ALA A 261 -9.17 -12.52 -8.76
C ALA A 261 -9.05 -11.05 -8.36
N ALA A 262 -7.85 -10.49 -8.41
CA ALA A 262 -7.68 -9.07 -8.15
C ALA A 262 -8.17 -8.19 -9.29
N SER A 263 -8.06 -8.62 -10.55
CA SER A 263 -8.30 -7.69 -11.67
C SER A 263 -9.70 -7.75 -12.28
N VAL A 264 -10.29 -8.95 -12.43
CA VAL A 264 -11.63 -9.05 -13.07
C VAL A 264 -12.73 -8.26 -12.35
N PRO A 265 -12.81 -8.21 -10.99
CA PRO A 265 -13.86 -7.37 -10.41
C PRO A 265 -13.82 -5.93 -10.86
N PHE A 266 -12.65 -5.40 -11.26
CA PHE A 266 -12.66 -4.04 -11.76
C PHE A 266 -13.34 -3.92 -13.12
N PHE A 267 -13.38 -5.03 -13.87
CA PHE A 267 -14.24 -5.09 -15.05
C PHE A 267 -15.71 -5.00 -14.65
N ALA A 268 -16.11 -5.76 -13.63
CA ALA A 268 -17.50 -5.68 -13.18
C ALA A 268 -17.88 -4.31 -12.62
N ILE A 269 -17.02 -3.72 -11.79
CA ILE A 269 -17.23 -2.38 -11.21
C ILE A 269 -17.27 -1.25 -12.24
N SER A 270 -16.50 -1.35 -13.34
CA SER A 270 -16.57 -0.32 -14.39
C SER A 270 -17.97 -0.06 -14.95
N LEU A 271 -18.73 -1.11 -15.27
CA LEU A 271 -20.10 -0.87 -15.76
C LEU A 271 -20.99 -0.22 -14.68
N ILE A 272 -20.91 -0.73 -13.43
CA ILE A 272 -21.72 -0.10 -12.39
C ILE A 272 -21.30 1.35 -12.23
N SER A 273 -19.97 1.63 -12.24
CA SER A 273 -19.55 3.01 -12.10
C SER A 273 -20.02 3.86 -13.27
N TRP A 274 -20.32 3.21 -14.41
CA TRP A 274 -20.90 3.92 -15.55
C TRP A 274 -22.32 4.34 -15.23
N TRP A 275 -22.97 3.64 -14.31
CA TRP A 275 -24.35 4.03 -13.95
C TRP A 275 -24.38 5.32 -13.12
N LEU A 276 -23.31 5.60 -12.38
CA LEU A 276 -23.24 6.74 -11.46
C LEU A 276 -23.44 8.09 -12.15
N PRO A 277 -24.16 9.02 -11.52
CA PRO A 277 -24.22 10.40 -12.03
C PRO A 277 -22.94 11.20 -11.80
N GLU A 278 -22.68 12.12 -12.73
CA GLU A 278 -21.62 13.11 -12.59
C GLU A 278 -21.92 14.17 -11.53
N SER A 279 -20.85 14.77 -10.98
CA SER A 279 -20.88 15.87 -10.03
C SER A 279 -21.60 17.10 -10.58
N ALA A 280 -22.74 17.46 -9.99
CA ALA A 280 -23.42 18.71 -10.34
C ALA A 280 -22.58 19.97 -10.10
N ARG A 281 -21.81 20.02 -9.00
CA ARG A 281 -20.96 21.18 -8.73
C ARG A 281 -19.88 21.36 -9.79
N TRP A 282 -19.25 20.27 -10.22
CA TRP A 282 -18.26 20.34 -11.30
C TRP A 282 -18.92 20.87 -12.57
N LEU A 283 -20.12 20.36 -12.88
CA LEU A 283 -20.83 20.82 -14.07
C LEU A 283 -21.12 22.31 -14.00
N ILE A 284 -21.47 22.81 -12.81
CA ILE A 284 -21.65 24.25 -12.58
C ILE A 284 -20.36 25.03 -12.84
N ILE A 285 -19.24 24.61 -12.25
CA ILE A 285 -17.97 25.34 -12.45
C ILE A 285 -17.54 25.33 -13.92
N LYS A 286 -17.88 24.27 -14.67
CA LYS A 286 -17.59 24.23 -16.10
C LYS A 286 -18.56 25.06 -16.94
N GLY A 287 -19.53 25.74 -16.33
CA GLY A 287 -20.48 26.49 -17.11
C GLY A 287 -21.54 25.69 -17.84
N LYS A 288 -21.89 24.51 -17.32
CA LYS A 288 -22.98 23.68 -17.84
C LYS A 288 -24.13 23.57 -16.85
N PRO A 289 -24.77 24.69 -16.45
CA PRO A 289 -25.81 24.61 -15.42
C PRO A 289 -27.04 23.78 -15.76
N ASP A 290 -27.44 23.71 -17.03
CA ASP A 290 -28.59 22.89 -17.42
C ASP A 290 -28.38 21.42 -17.10
N GLN A 291 -27.20 20.89 -17.42
CA GLN A 291 -26.92 19.50 -17.09
C GLN A 291 -26.83 19.28 -15.58
N ALA A 292 -26.20 20.22 -14.86
CA ALA A 292 -26.15 20.12 -13.40
C ALA A 292 -27.54 20.12 -12.76
N LEU A 293 -28.44 20.99 -13.23
CA LEU A 293 -29.81 21.01 -12.68
C LEU A 293 -30.56 19.74 -13.04
N GLN A 294 -30.34 19.21 -14.24
CA GLN A 294 -30.92 17.92 -14.60
C GLN A 294 -30.44 16.82 -13.67
N GLU A 295 -29.13 16.81 -13.35
CA GLU A 295 -28.60 15.82 -12.42
C GLU A 295 -29.15 16.00 -11.01
N LEU A 296 -29.30 17.24 -10.52
CA LEU A 296 -29.94 17.44 -9.22
C LEU A 296 -31.38 16.94 -9.21
N ARG A 297 -32.14 17.20 -10.26
CA ARG A 297 -33.50 16.67 -10.30
C ARG A 297 -33.53 15.15 -10.37
N LYS A 298 -32.60 14.54 -11.10
CA LYS A 298 -32.49 13.08 -11.11
C LYS A 298 -32.16 12.47 -9.74
N VAL A 299 -31.15 13.02 -9.06
CA VAL A 299 -30.82 12.54 -7.72
C VAL A 299 -31.98 12.76 -6.74
N ALA A 300 -32.58 13.95 -6.75
CA ALA A 300 -33.71 14.22 -5.86
C ALA A 300 -34.89 13.29 -6.14
N ARG A 301 -35.14 12.95 -7.40
CA ARG A 301 -36.16 11.95 -7.70
C ARG A 301 -35.78 10.57 -7.14
N ILE A 302 -34.53 10.12 -7.33
CA ILE A 302 -34.11 8.83 -6.80
C ILE A 302 -34.14 8.78 -5.26
N ASN A 303 -33.79 9.88 -4.59
CA ASN A 303 -33.90 9.82 -3.13
C ASN A 303 -35.31 10.04 -2.60
N GLY A 304 -36.29 10.30 -3.46
CA GLY A 304 -37.64 10.51 -2.97
C GLY A 304 -37.82 11.86 -2.34
N HIS A 305 -37.64 12.93 -3.13
CA HIS A 305 -37.76 14.33 -2.69
C HIS A 305 -36.83 14.66 -1.52
N THR A 312 -35.39 25.59 -7.74
CA THR A 312 -35.72 26.08 -9.07
C THR A 312 -34.48 26.57 -9.82
N ILE A 313 -34.62 26.69 -11.14
CA ILE A 313 -33.56 27.25 -11.98
C ILE A 313 -33.23 28.70 -11.56
N GLU A 314 -32.04 29.14 -11.99
CA GLU A 314 -31.46 30.48 -11.78
C GLU A 314 -31.01 30.70 -10.34
N VAL A 315 -31.83 30.27 -9.38
CA VAL A 315 -31.51 30.35 -7.94
C VAL A 315 -30.28 29.51 -7.55
N LEU A 316 -30.11 28.31 -8.12
CA LEU A 316 -28.94 27.49 -7.77
C LEU A 316 -27.61 28.12 -8.17
N MET A 317 -27.45 28.51 -9.44
CA MET A 317 -26.16 29.04 -9.90
C MET A 317 -25.84 30.41 -9.31
N SER A 318 -26.86 31.26 -9.15
CA SER A 318 -26.70 32.55 -8.48
C SER A 318 -26.27 32.40 -7.02
N SER A 319 -26.82 31.42 -6.30
CA SER A 319 -26.48 31.25 -4.89
C SER A 319 -25.06 30.77 -4.64
N VAL A 320 -24.41 30.13 -5.61
CA VAL A 320 -23.08 29.57 -5.38
C VAL A 320 -22.00 30.29 -6.15
N LYS A 321 -22.35 31.37 -6.86
CA LYS A 321 -21.43 32.12 -7.70
C LYS A 321 -20.18 32.60 -6.94
N GLU A 322 -20.37 33.16 -5.74
CA GLU A 322 -19.25 33.64 -4.94
C GLU A 322 -18.36 32.51 -4.43
N GLU A 323 -18.96 31.39 -3.99
CA GLU A 323 -18.14 30.27 -3.53
C GLU A 323 -17.33 29.65 -4.67
N VAL A 324 -17.88 29.59 -5.87
CA VAL A 324 -17.12 29.12 -7.02
C VAL A 324 -16.05 30.13 -7.41
N ALA A 325 -16.38 31.43 -7.34
CA ALA A 325 -15.40 32.48 -7.62
C ALA A 325 -14.25 32.46 -6.60
N SER A 326 -14.56 32.36 -5.31
CA SER A 326 -13.52 32.27 -4.30
C SER A 326 -12.67 31.00 -4.44
N ALA A 327 -13.28 29.90 -4.89
CA ALA A 327 -12.53 28.68 -5.13
C ALA A 327 -11.61 28.83 -6.34
N LEU A 334 3.88 31.39 -1.06
CA LEU A 334 2.95 32.29 -0.39
C LEU A 334 3.27 32.43 1.09
N ASP A 335 2.23 32.76 1.86
CA ASP A 335 2.36 32.98 3.30
C ASP A 335 2.85 31.74 4.03
N LEU A 336 2.52 30.54 3.54
CA LEU A 336 3.01 29.32 4.15
C LEU A 336 4.53 29.17 4.09
N PHE A 337 5.20 29.75 3.08
CA PHE A 337 6.65 29.58 3.04
C PHE A 337 7.44 30.83 3.39
N CYS A 338 6.87 32.02 3.25
CA CYS A 338 7.59 33.22 3.64
C CYS A 338 7.59 33.46 5.14
N VAL A 339 6.44 33.28 5.78
CA VAL A 339 6.26 33.52 7.21
C VAL A 339 6.90 32.41 8.05
N PRO A 340 7.85 32.74 8.93
CA PRO A 340 8.64 31.71 9.63
C PRO A 340 7.84 30.69 10.45
N VAL A 341 6.80 31.12 11.17
CA VAL A 341 5.98 30.15 11.93
C VAL A 341 5.27 29.19 10.99
N LEU A 342 4.81 29.68 9.83
CA LEU A 342 4.15 28.75 8.92
C LEU A 342 5.21 27.92 8.22
N ARG A 343 6.35 28.56 7.89
CA ARG A 343 7.44 27.85 7.21
C ARG A 343 7.80 26.61 8.01
N TRP A 344 8.06 26.80 9.31
CA TRP A 344 8.50 25.73 10.20
C TRP A 344 7.41 24.68 10.45
N ARG A 345 6.16 25.12 10.65
CA ARG A 345 5.06 24.14 10.79
C ARG A 345 4.88 23.32 9.51
N SER A 346 4.96 23.98 8.34
CA SER A 346 4.86 23.28 7.06
C SER A 346 5.98 22.25 6.91
N CYS A 347 7.23 22.67 7.12
CA CYS A 347 8.38 21.77 7.03
C CYS A 347 8.22 20.58 7.96
N ALA A 348 7.83 20.85 9.21
CA ALA A 348 7.59 19.78 10.17
C ALA A 348 6.50 18.82 9.67
N MET A 349 5.40 19.35 9.15
CA MET A 349 4.35 18.45 8.66
C MET A 349 4.80 17.61 7.45
N LEU A 350 5.62 18.18 6.56
CA LEU A 350 6.18 17.37 5.47
C LEU A 350 7.10 16.26 5.97
N VAL A 351 8.03 16.58 6.89
CA VAL A 351 8.91 15.54 7.43
C VAL A 351 8.12 14.46 8.16
N VAL A 352 7.15 14.84 9.00
CA VAL A 352 6.38 13.83 9.74
C VAL A 352 5.58 12.93 8.79
N ASN A 353 4.90 13.52 7.79
CA ASN A 353 4.10 12.71 6.87
C ASN A 353 4.97 11.84 5.96
N PHE A 354 6.10 12.36 5.50
CA PHE A 354 7.07 11.59 4.74
C PHE A 354 7.58 10.39 5.54
N SER A 355 8.05 10.63 6.77
CA SER A 355 8.61 9.57 7.61
C SER A 355 7.56 8.53 7.99
N LEU A 356 6.32 9.00 8.23
CA LEU A 356 5.20 8.11 8.53
C LEU A 356 4.88 7.20 7.36
N LEU A 357 4.76 7.75 6.15
CA LEU A 357 4.36 6.91 5.03
C LEU A 357 5.49 5.99 4.60
N ILE A 358 6.75 6.45 4.72
CA ILE A 358 7.89 5.56 4.46
C ILE A 358 7.86 4.37 5.39
N SER A 359 7.59 4.59 6.68
CA SER A 359 7.61 3.48 7.62
C SER A 359 6.38 2.59 7.47
N TYR A 360 5.22 3.19 7.21
CA TYR A 360 3.99 2.44 6.96
C TYR A 360 4.13 1.52 5.77
N TYR A 361 4.56 2.04 4.61
CA TYR A 361 4.68 1.18 3.44
C TYR A 361 5.85 0.22 3.53
N GLY A 362 6.96 0.61 4.17
CA GLY A 362 8.01 -0.34 4.50
C GLY A 362 7.50 -1.54 5.28
N LEU A 363 6.69 -1.29 6.30
CA LEU A 363 6.09 -2.37 7.08
C LEU A 363 5.14 -3.20 6.25
N VAL A 364 4.23 -2.56 5.51
CA VAL A 364 3.21 -3.33 4.81
C VAL A 364 3.82 -4.16 3.68
N PHE A 365 4.86 -3.66 3.02
CA PHE A 365 5.58 -4.40 1.99
C PHE A 365 6.62 -5.36 2.54
N ASP A 366 6.92 -5.31 3.84
CA ASP A 366 7.94 -6.17 4.42
C ASP A 366 7.35 -7.47 5.00
N LEU A 367 6.15 -7.84 4.54
CA LEU A 367 5.36 -8.95 5.09
C LEU A 367 6.13 -10.26 5.18
N GLN A 368 6.89 -10.62 4.14
CA GLN A 368 7.62 -11.89 4.16
C GLN A 368 8.72 -11.90 5.22
N SER A 369 9.25 -10.74 5.58
CA SER A 369 10.29 -10.69 6.60
C SER A 369 9.69 -10.59 8.00
N LEU A 370 8.43 -10.16 8.12
CA LEU A 370 7.90 -9.93 9.45
C LEU A 370 7.30 -11.19 10.06
N GLY A 371 6.84 -12.15 9.27
CA GLY A 371 6.28 -13.37 9.80
C GLY A 371 6.31 -14.47 8.78
N ARG A 372 6.40 -15.71 9.26
CA ARG A 372 6.42 -16.86 8.34
C ARG A 372 5.07 -17.08 7.68
N ASP A 373 3.96 -16.89 8.42
CA ASP A 373 2.63 -16.98 7.83
C ASP A 373 2.14 -15.58 7.50
N ILE A 374 2.32 -15.20 6.23
CA ILE A 374 1.96 -13.88 5.72
C ILE A 374 0.44 -13.72 5.53
N PHE A 375 -0.30 -14.83 5.37
CA PHE A 375 -1.75 -14.77 5.23
C PHE A 375 -2.41 -14.34 6.54
N LEU A 376 -2.01 -14.98 7.63
CA LEU A 376 -2.49 -14.61 8.96
C LEU A 376 -2.09 -13.18 9.28
N LEU A 377 -0.84 -12.81 8.98
CA LEU A 377 -0.35 -11.47 9.25
C LEU A 377 -1.16 -10.41 8.50
N GLN A 378 -1.49 -10.67 7.23
CA GLN A 378 -2.35 -9.74 6.48
C GLN A 378 -3.75 -9.61 7.08
N ALA A 379 -4.36 -10.75 7.48
CA ALA A 379 -5.67 -10.72 8.12
C ALA A 379 -5.65 -9.94 9.42
N LEU A 380 -4.63 -10.18 10.24
CA LEU A 380 -4.42 -9.46 11.48
C LEU A 380 -4.17 -7.97 11.24
N PHE A 381 -3.40 -7.63 10.20
CA PHE A 381 -3.21 -6.23 9.84
C PHE A 381 -4.54 -5.51 9.59
N GLY A 382 -5.46 -6.17 8.88
CA GLY A 382 -6.78 -5.56 8.70
C GLY A 382 -7.59 -5.48 10.00
N ALA A 383 -7.55 -6.55 10.79
CA ALA A 383 -8.29 -6.59 12.05
C ALA A 383 -7.78 -5.54 13.04
N VAL A 384 -6.46 -5.41 13.15
CA VAL A 384 -5.85 -4.45 14.06
C VAL A 384 -6.00 -3.01 13.57
N ASP A 385 -6.02 -2.75 12.26
CA ASP A 385 -6.39 -1.39 11.85
C ASP A 385 -7.81 -1.04 12.31
N PHE A 386 -8.76 -2.00 12.16
CA PHE A 386 -10.12 -1.78 12.67
C PHE A 386 -10.12 -1.46 14.17
N LEU A 387 -9.40 -2.30 14.94
CA LEU A 387 -9.27 -2.11 16.39
C LEU A 387 -8.61 -0.78 16.70
N GLY A 388 -7.59 -0.44 15.91
CA GLY A 388 -6.90 0.84 16.03
C GLY A 388 -7.83 2.01 15.84
N ARG A 389 -8.71 1.95 14.83
CA ARG A 389 -9.65 3.05 14.62
C ARG A 389 -10.61 3.18 15.81
N ALA A 390 -11.12 2.05 16.31
CA ALA A 390 -12.01 2.12 17.46
C ALA A 390 -11.27 2.70 18.67
N THR A 391 -9.99 2.36 18.83
CA THR A 391 -9.39 2.96 20.00
C THR A 391 -8.88 4.36 19.70
N THR A 392 -8.67 4.73 18.41
CA THR A 392 -8.20 6.08 18.15
C THR A 392 -9.30 7.01 18.62
N ALA A 393 -10.56 6.61 18.35
CA ALA A 393 -11.73 7.37 18.77
C ALA A 393 -11.80 7.45 20.29
N LEU A 394 -11.48 6.34 20.98
CA LEU A 394 -11.45 6.38 22.45
C LEU A 394 -10.34 7.30 22.96
N LEU A 395 -9.13 7.14 22.42
CA LEU A 395 -8.00 8.00 22.79
C LEU A 395 -8.32 9.46 22.54
N LEU A 396 -8.96 9.79 21.42
CA LEU A 396 -9.36 11.17 21.17
C LEU A 396 -10.41 11.64 22.16
N SER A 397 -11.25 10.72 22.66
CA SER A 397 -12.23 11.15 23.64
C SER A 397 -11.59 11.42 25.00
N PHE A 398 -10.48 10.75 25.31
CA PHE A 398 -9.88 10.97 26.63
C PHE A 398 -8.72 11.96 26.64
N LEU A 399 -7.83 11.87 25.65
CA LEU A 399 -6.53 12.50 25.56
C LEU A 399 -6.52 13.56 24.45
N GLY A 400 -5.33 14.07 24.15
CA GLY A 400 -5.14 15.12 23.17
C GLY A 400 -4.50 14.52 21.93
N ARG A 401 -4.42 15.33 20.87
CA ARG A 401 -4.01 14.81 19.56
C ARG A 401 -2.50 14.66 19.44
N ARG A 402 -1.75 15.64 19.94
CA ARG A 402 -0.29 15.63 19.84
C ARG A 402 0.32 14.45 20.60
N THR A 403 -0.13 14.24 21.83
CA THR A 403 0.41 13.16 22.66
C THR A 403 0.12 11.79 22.07
N ILE A 404 -1.12 11.55 21.61
CA ILE A 404 -1.44 10.26 21.00
C ILE A 404 -0.67 10.06 19.70
N GLN A 405 -0.56 11.10 18.86
CA GLN A 405 0.21 10.99 17.61
C GLN A 405 1.66 10.64 17.88
N ALA A 406 2.31 11.38 18.77
CA ALA A 406 3.72 11.16 19.10
C ALA A 406 3.91 9.78 19.72
N GLY A 407 3.05 9.43 20.69
CA GLY A 407 3.17 8.17 21.38
C GLY A 407 2.99 7.00 20.45
N SER A 408 1.95 7.05 19.61
CA SER A 408 1.69 6.00 18.64
C SER A 408 2.82 5.82 17.65
N GLN A 409 3.39 6.93 17.13
CA GLN A 409 4.47 6.78 16.18
C GLN A 409 5.74 6.26 16.84
N ALA A 410 5.96 6.63 18.12
CA ALA A 410 7.10 6.10 18.86
C ALA A 410 6.91 4.62 19.18
N MET A 411 5.71 4.22 19.61
CA MET A 411 5.38 2.81 19.82
C MET A 411 5.54 1.99 18.55
N ALA A 412 5.15 2.55 17.40
CA ALA A 412 5.35 1.87 16.12
C ALA A 412 6.83 1.65 15.83
N GLY A 413 7.65 2.69 15.99
CA GLY A 413 9.09 2.54 15.81
C GLY A 413 9.71 1.54 16.76
N LEU A 414 9.31 1.60 18.03
CA LEU A 414 9.75 0.63 19.02
C LEU A 414 9.33 -0.79 18.66
N ALA A 415 8.10 -0.95 18.15
CA ALA A 415 7.63 -2.27 17.72
C ALA A 415 8.45 -2.81 16.56
N ILE A 416 8.86 -1.95 15.63
CA ILE A 416 9.75 -2.37 14.54
C ILE A 416 11.11 -2.80 15.08
N LEU A 417 11.70 -1.99 15.97
CA LEU A 417 13.00 -2.36 16.55
C LEU A 417 12.90 -3.62 17.39
N ALA A 418 11.83 -3.76 18.17
CA ALA A 418 11.59 -4.98 18.92
C ALA A 418 11.46 -6.18 17.99
N ASN A 419 10.76 -6.00 16.85
CA ASN A 419 10.69 -7.06 15.86
C ASN A 419 12.09 -7.45 15.39
N MET A 420 12.98 -6.47 15.26
CA MET A 420 14.36 -6.78 14.89
C MET A 420 15.05 -7.59 15.97
N LEU A 421 14.65 -7.39 17.23
CA LEU A 421 15.21 -8.11 18.37
C LEU A 421 14.61 -9.48 18.61
N VAL A 422 13.52 -9.85 17.94
CA VAL A 422 12.87 -11.13 18.21
C VAL A 422 13.51 -12.29 17.44
N PRO A 423 13.98 -13.31 18.16
CA PRO A 423 14.48 -14.54 17.53
C PRO A 423 13.43 -15.15 16.61
N GLN A 424 13.89 -15.90 15.59
CA GLN A 424 12.93 -16.48 14.64
C GLN A 424 11.95 -17.42 15.34
N ASP A 425 12.32 -17.99 16.48
CA ASP A 425 11.41 -18.85 17.22
C ASP A 425 10.37 -17.96 17.88
N LEU A 426 9.33 -18.57 18.47
CA LEU A 426 8.24 -17.83 19.14
C LEU A 426 7.55 -16.87 18.16
N GLN A 427 7.07 -17.47 17.05
CA GLN A 427 6.47 -16.74 15.94
C GLN A 427 5.32 -15.84 16.36
N THR A 428 4.50 -16.31 17.30
CA THR A 428 3.37 -15.53 17.80
C THR A 428 3.79 -14.17 18.37
N LEU A 429 4.87 -14.11 19.15
CA LEU A 429 5.29 -12.82 19.70
C LEU A 429 5.79 -11.87 18.62
N ARG A 430 6.49 -12.40 17.60
CA ARG A 430 6.90 -11.59 16.45
C ARG A 430 5.69 -11.05 15.70
N VAL A 431 4.68 -11.91 15.48
CA VAL A 431 3.43 -11.48 14.85
C VAL A 431 2.76 -10.40 15.68
N VAL A 432 2.72 -10.57 17.00
CA VAL A 432 2.12 -9.59 17.91
C VAL A 432 2.77 -8.23 17.74
N PHE A 433 4.11 -8.18 17.78
CA PHE A 433 4.80 -6.90 17.62
C PHE A 433 4.56 -6.28 16.24
N ALA A 434 4.56 -7.09 15.17
CA ALA A 434 4.32 -6.57 13.82
C ALA A 434 2.90 -5.99 13.70
N VAL A 435 1.92 -6.71 14.22
CA VAL A 435 0.52 -6.31 14.20
C VAL A 435 0.29 -5.06 15.06
N LEU A 436 0.94 -4.99 16.22
CA LEU A 436 0.91 -3.79 17.05
C LEU A 436 1.44 -2.58 16.29
N GLY A 437 2.61 -2.72 15.66
CA GLY A 437 3.15 -1.63 14.86
C GLY A 437 2.24 -1.18 13.74
N LYS A 438 1.60 -2.13 13.05
CA LYS A 438 0.62 -1.78 12.01
C LYS A 438 -0.57 -1.02 12.58
N GLY A 439 -1.10 -1.49 13.71
CA GLY A 439 -2.19 -0.78 14.38
C GLY A 439 -1.81 0.63 14.78
N CYS A 440 -0.62 0.79 15.36
CA CYS A 440 -0.11 2.10 15.73
C CYS A 440 0.01 3.03 14.52
N PHE A 441 0.52 2.55 13.38
CA PHE A 441 0.48 3.40 12.19
C PHE A 441 -0.94 3.72 11.72
N GLY A 442 -1.89 2.80 11.86
CA GLY A 442 -3.28 3.15 11.54
C GLY A 442 -3.89 4.25 12.39
N ILE A 443 -3.64 4.20 13.70
CA ILE A 443 -4.06 5.29 14.59
C ILE A 443 -3.33 6.59 14.25
N SER A 444 -2.00 6.54 14.09
CA SER A 444 -1.24 7.73 13.75
C SER A 444 -1.74 8.37 12.44
N LEU A 445 -2.04 7.55 11.43
CA LEU A 445 -2.58 8.07 10.17
C LEU A 445 -3.93 8.75 10.35
N THR A 446 -4.82 8.19 11.17
CA THR A 446 -6.13 8.82 11.36
C THR A 446 -6.01 10.10 12.21
N CYS A 447 -5.12 10.08 13.20
CA CYS A 447 -4.83 11.30 13.95
C CYS A 447 -4.27 12.37 13.04
N LEU A 448 -3.31 12.01 12.18
CA LEU A 448 -2.70 12.98 11.29
C LEU A 448 -3.72 13.56 10.32
N THR A 449 -4.66 12.73 9.86
CA THR A 449 -5.72 13.19 8.98
C THR A 449 -6.63 14.21 9.67
N ILE A 450 -6.89 14.02 10.96
CA ILE A 450 -7.68 15.01 11.70
C ILE A 450 -6.85 16.26 11.98
N TYR A 451 -5.63 16.06 12.48
CA TYR A 451 -4.77 17.14 12.95
C TYR A 451 -4.40 18.10 11.82
N LYS A 452 -4.16 17.57 10.60
CA LYS A 452 -3.97 18.45 9.45
C LYS A 452 -5.16 19.38 9.23
N ALA A 453 -6.38 18.85 9.35
CA ALA A 453 -7.58 19.66 9.15
C ALA A 453 -7.74 20.70 10.24
N GLU A 454 -7.29 20.38 11.46
CA GLU A 454 -7.42 21.32 12.55
C GLU A 454 -6.31 22.38 12.59
N LEU A 455 -5.13 22.07 12.07
CA LEU A 455 -4.03 23.03 12.13
C LEU A 455 -4.09 24.12 11.06
N PHE A 456 -4.65 23.83 9.89
CA PHE A 456 -4.60 24.81 8.80
C PHE A 456 -5.93 25.42 8.43
N PRO A 457 -6.01 26.74 8.26
CA PRO A 457 -7.27 27.37 7.86
C PRO A 457 -7.55 27.04 6.41
N THR A 458 -8.85 27.01 6.06
CA THR A 458 -9.34 26.52 4.75
C THR A 458 -8.60 26.96 3.49
N PRO A 459 -8.21 28.25 3.28
CA PRO A 459 -7.51 28.58 2.03
C PRO A 459 -6.16 27.89 1.97
N VAL A 460 -5.53 27.67 3.11
CA VAL A 460 -4.22 27.07 3.06
C VAL A 460 -4.36 25.66 3.55
N ARG A 461 -5.53 25.30 4.11
CA ARG A 461 -5.77 23.89 4.43
C ARG A 461 -5.74 23.15 3.10
N MET A 462 -6.44 23.74 2.11
CA MET A 462 -6.49 23.22 0.76
C MET A 462 -5.14 23.31 0.05
N THR A 463 -4.42 24.43 0.20
CA THR A 463 -3.09 24.52 -0.42
C THR A 463 -2.11 23.51 0.18
N ALA A 464 -2.08 23.40 1.51
CA ALA A 464 -1.27 22.48 2.28
C ALA A 464 -1.54 21.01 1.98
N ASP A 465 -2.81 20.62 1.91
CA ASP A 465 -3.17 19.22 1.66
C ASP A 465 -2.63 18.70 0.33
N GLY A 466 -2.64 19.51 -0.73
CA GLY A 466 -2.05 19.06 -1.99
C GLY A 466 -0.57 18.75 -1.93
N ILE A 467 0.21 19.65 -1.31
CA ILE A 467 1.66 19.41 -1.17
C ILE A 467 1.92 18.26 -0.21
N LEU A 468 1.25 18.22 0.94
CA LEU A 468 1.39 17.11 1.89
C LEU A 468 1.10 15.77 1.22
N HIS A 469 -0.02 15.67 0.49
CA HIS A 469 -0.35 14.44 -0.22
C HIS A 469 0.72 14.04 -1.22
N THR A 470 1.27 15.00 -1.98
CA THR A 470 2.32 14.68 -2.98
C THR A 470 3.61 14.26 -2.27
N VAL A 471 3.99 14.89 -1.18
CA VAL A 471 5.16 14.47 -0.40
C VAL A 471 4.93 13.10 0.23
N GLY A 472 3.72 12.84 0.71
CA GLY A 472 3.39 11.51 1.20
C GLY A 472 3.49 10.42 0.14
N ARG A 473 3.04 10.68 -1.08
CA ARG A 473 3.19 9.67 -2.16
C ARG A 473 4.67 9.54 -2.49
N LEU A 474 5.47 10.61 -2.44
CA LEU A 474 6.92 10.49 -2.55
C LEU A 474 7.49 9.56 -1.49
N GLY A 475 7.04 9.71 -0.24
CA GLY A 475 7.42 8.77 0.82
C GLY A 475 7.05 7.34 0.49
N ALA A 476 5.82 7.14 0.01
CA ALA A 476 5.36 5.82 -0.42
C ALA A 476 6.24 5.24 -1.53
N MET A 477 6.70 6.10 -2.43
CA MET A 477 7.64 5.66 -3.47
C MET A 477 9.00 5.31 -2.88
N MET A 478 9.48 6.08 -1.90
CA MET A 478 10.78 5.84 -1.28
C MET A 478 10.83 4.63 -0.36
N GLY A 479 9.70 4.19 0.19
CA GLY A 479 9.66 3.02 1.05
C GLY A 479 10.28 1.74 0.50
N PRO A 480 9.70 1.19 -0.56
CA PRO A 480 10.30 0.00 -1.19
C PRO A 480 11.71 0.20 -1.73
N LEU A 481 12.04 1.42 -2.20
CA LEU A 481 13.42 1.66 -2.62
C LEU A 481 14.41 1.52 -1.45
N ILE A 482 14.06 2.00 -0.26
CA ILE A 482 14.93 1.74 0.88
C ILE A 482 14.95 0.23 1.20
N LEU A 483 13.81 -0.45 1.03
CA LEU A 483 13.73 -1.90 1.20
C LEU A 483 14.66 -2.67 0.26
N MET A 484 15.00 -2.06 -0.88
CA MET A 484 15.97 -2.63 -1.82
C MET A 484 17.36 -2.82 -1.21
N SER A 485 17.75 -1.97 -0.25
CA SER A 485 19.04 -2.01 0.42
C SER A 485 19.30 -3.28 1.24
N ARG A 486 18.27 -4.07 1.53
CA ARG A 486 18.41 -5.32 2.29
C ARG A 486 19.46 -6.28 1.74
N GLN A 487 19.71 -6.27 0.42
CA GLN A 487 20.68 -7.20 -0.17
C GLN A 487 22.09 -6.93 0.32
N ALA A 488 22.43 -5.68 0.60
CA ALA A 488 23.75 -5.37 1.14
C ALA A 488 23.77 -5.40 2.67
N LEU A 489 22.73 -4.86 3.31
CA LEU A 489 22.69 -4.74 4.77
C LEU A 489 21.31 -5.19 5.25
N PRO A 490 21.17 -6.48 5.59
CA PRO A 490 19.85 -7.05 5.94
C PRO A 490 19.12 -6.35 7.09
N LEU A 491 19.86 -5.82 8.06
CA LEU A 491 19.25 -5.16 9.22
C LEU A 491 18.93 -3.69 8.98
N LEU A 492 19.40 -3.13 7.86
CA LEU A 492 19.24 -1.70 7.63
C LEU A 492 17.79 -1.21 7.46
N PRO A 493 16.90 -1.86 6.68
CA PRO A 493 15.52 -1.30 6.53
C PRO A 493 14.73 -1.21 7.84
N PRO A 494 14.56 -2.28 8.65
CA PRO A 494 13.77 -2.08 9.88
C PRO A 494 14.45 -1.15 10.88
N LEU A 495 15.78 -1.12 10.90
CA LEU A 495 16.51 -0.16 11.72
C LEU A 495 16.17 1.27 11.30
N LEU A 496 16.20 1.53 10.00
CA LEU A 496 15.87 2.85 9.47
C LEU A 496 14.43 3.22 9.80
N TYR A 497 13.48 2.31 9.60
CA TYR A 497 12.08 2.59 9.93
C TYR A 497 11.90 2.91 11.40
N GLY A 498 12.60 2.19 12.27
CA GLY A 498 12.53 2.46 13.70
C GLY A 498 13.09 3.83 14.04
N VAL A 499 14.32 4.11 13.60
CA VAL A 499 14.98 5.37 13.96
C VAL A 499 14.21 6.56 13.37
N ILE A 500 13.78 6.47 12.09
CA ILE A 500 13.03 7.55 11.47
C ILE A 500 11.69 7.78 12.19
N SER A 501 11.00 6.71 12.62
CA SER A 501 9.77 6.86 13.39
C SER A 501 10.02 7.57 14.72
N ILE A 502 11.07 7.17 15.43
CA ILE A 502 11.38 7.81 16.71
C ILE A 502 11.77 9.27 16.50
N ALA A 503 12.63 9.54 15.51
CA ALA A 503 13.06 10.90 15.21
C ALA A 503 11.89 11.80 14.82
N SER A 504 10.94 11.29 14.02
CA SER A 504 9.77 12.10 13.69
C SER A 504 8.81 12.27 14.87
N SER A 505 8.76 11.31 15.80
CA SER A 505 8.05 11.56 17.06
C SER A 505 8.71 12.69 17.85
N LEU A 506 10.04 12.73 17.86
CA LEU A 506 10.75 13.86 18.47
C LEU A 506 10.45 15.17 17.77
N VAL A 507 10.36 15.14 16.44
CA VAL A 507 9.91 16.30 15.67
C VAL A 507 8.55 16.77 16.14
N VAL A 508 7.60 15.84 16.32
CA VAL A 508 6.27 16.20 16.84
C VAL A 508 6.40 16.91 18.20
N LEU A 509 7.19 16.36 19.12
CA LEU A 509 7.27 16.98 20.45
C LEU A 509 7.90 18.37 20.39
N PHE A 510 8.99 18.52 19.64
CA PHE A 510 9.73 19.78 19.63
C PHE A 510 9.11 20.86 18.74
N PHE A 511 8.30 20.49 17.74
CA PHE A 511 8.01 21.32 16.56
C PHE A 511 6.53 21.42 16.24
N LEU A 512 5.68 20.60 16.82
CA LEU A 512 4.26 20.84 16.59
C LEU A 512 3.65 21.42 17.85
N PRO A 513 2.76 22.41 17.71
CA PRO A 513 2.16 23.03 18.89
C PRO A 513 1.04 22.23 19.53
N GLU A 514 0.91 22.44 20.84
CA GLU A 514 -0.27 22.04 21.59
C GLU A 514 -1.47 22.88 21.17
N THR A 515 -2.62 22.24 20.99
CA THR A 515 -3.81 22.92 20.53
C THR A 515 -4.89 22.89 21.60
N GLN A 516 -5.90 23.74 21.40
CA GLN A 516 -7.06 23.78 22.29
C GLN A 516 -7.76 22.43 22.41
N GLY A 517 -7.87 21.70 21.29
CA GLY A 517 -8.49 20.39 21.32
C GLY A 517 -10.01 20.47 21.38
CL CL B . -2.91 9.16 -3.86
#